data_7I2M
#
_entry.id   7I2M
#
_cell.length_a   82.364
_cell.length_b   115.808
_cell.length_c   147.054
_cell.angle_alpha   90.00
_cell.angle_beta   90.00
_cell.angle_gamma   90.00
#
_symmetry.space_group_name_H-M   'I 2 2 2'
#
loop_
_entity.id
_entity.type
_entity.pdbx_description
1 polymer 'NS5 RNA-dependent RNA polymerase'
2 non-polymer 'ZINC ION'
3 non-polymer '2-(N-MORPHOLINO)-ETHANESULFONIC ACID'
4 non-polymer 'DIMETHYL SULFOXIDE'
5 non-polymer 'PHOSPHATE ION'
6 non-polymer DI(HYDROXYETHYL)ETHER
7 non-polymer 2-fluoro-N,3-dimethylbenzene-1-sulfonamide
8 non-polymer 'CHLORIDE ION'
9 water water
#
_entity_poly.entity_id   1
_entity_poly.type   'polypeptide(L)'
_entity_poly.pdbx_seq_one_letter_code
;GPGIESETPNLDIIGKRIEKIKQEHETSWHYDQDHPYKTWAYHGSYETKQTGSASSMVNGVVRLLTKPWDIIPMVTQMAM
TDTTPFGQQRVFKEKVDTRTQEPKEGTKKLMKITAEWLWKELGKKKTPRMCTREEFTRKVRSNAALGAIFTDENKWKSAR
EAVEDSGFWELVDKERNLHLEGKCETCVYNMMGKREKKLGEFGKAKGSRAIWYMWLGARFLEFEALGFLNEDHWFSRENS
LSGVEGEGLHKLGYILRDVSKKEGGAMYADDTAGWDTRITLEDLKNEEMVTNHMEGEHKKLAEAIFKLTYQNKVVRVQRP
TPRGTVMDIISRRDQRGSGQVVTYGLNTFTNMEAQLIRQMEGEGVFKSIQHLTVTEEIAVKNWLVRVGRERLSRMAISGD
DCVVKPLDDRFASALTALNDMGKVRKDIQQWEPSRGWNDWTQVPFCSHHFHELIMKDGRVLVVPCRNQDELIGRARISQG
AGWSLRETACLGKSYAQMWSLMYFHRRDLRLAANAICSAVPSHWVPTSRTTWSIHATHEWMTTEDMLTVWNRVWIQENPW
MEDKTPVESWEEIPYLGKREDQWCGSLIGLTSRATWAKNIQTAINQVRSLIGNEEYTDYMPSMKRFRREEEEAGVLW
;
_entity_poly.pdbx_strand_id   A
#
# COMPACT_ATOMS: atom_id res chain seq x y z
N ASN A 10 -27.08 -10.39 12.63
CA ASN A 10 -27.93 -9.77 11.56
C ASN A 10 -28.57 -8.49 12.16
N LEU A 11 -29.87 -8.28 11.95
CA LEU A 11 -30.53 -6.93 11.96
C LEU A 11 -30.46 -6.28 13.35
N ASP A 12 -30.34 -7.08 14.41
CA ASP A 12 -30.14 -6.51 15.77
C ASP A 12 -28.93 -5.57 15.76
N ILE A 13 -27.83 -5.92 15.06
CA ILE A 13 -26.53 -5.18 15.09
C ILE A 13 -26.50 -4.05 14.06
N ILE A 14 -27.19 -4.21 12.93
CA ILE A 14 -27.16 -3.22 11.81
C ILE A 14 -28.45 -2.41 11.75
N GLY A 15 -29.51 -2.86 12.43
CA GLY A 15 -30.87 -2.24 12.42
C GLY A 15 -30.83 -0.74 12.70
N LYS A 16 -30.27 -0.35 13.85
CA LYS A 16 -30.21 1.05 14.31
C LYS A 16 -29.60 1.92 13.20
N ARG A 17 -28.49 1.47 12.63
CA ARG A 17 -27.80 2.19 11.52
C ARG A 17 -28.78 2.34 10.35
N ILE A 18 -29.49 1.25 10.03
CA ILE A 18 -30.43 1.15 8.88
C ILE A 18 -31.64 2.08 9.12
N GLU A 19 -32.21 2.00 10.32
CA GLU A 19 -33.38 2.80 10.78
C GLU A 19 -33.07 4.30 10.67
N LYS A 20 -31.87 4.70 11.13
CA LYS A 20 -31.44 6.13 11.15
C LYS A 20 -31.37 6.69 9.72
N ILE A 21 -30.95 5.87 8.75
CA ILE A 21 -30.82 6.28 7.32
C ILE A 21 -32.23 6.41 6.72
N LYS A 22 -33.12 5.45 7.00
CA LYS A 22 -34.51 5.45 6.46
C LYS A 22 -35.20 6.74 6.92
N GLN A 23 -35.35 6.93 8.24
CA GLN A 23 -35.98 8.11 8.88
C GLN A 23 -35.47 9.43 8.28
N GLU A 24 -34.19 9.53 7.90
CA GLU A 24 -33.61 10.78 7.35
C GLU A 24 -33.93 10.89 5.86
N HIS A 25 -34.45 9.82 5.25
CA HIS A 25 -34.94 9.79 3.84
C HIS A 25 -36.33 9.11 3.79
N GLU A 26 -37.25 9.54 4.64
CA GLU A 26 -38.63 8.98 4.76
C GLU A 26 -39.46 9.44 3.55
N THR A 27 -38.91 10.33 2.73
CA THR A 27 -39.58 10.95 1.55
C THR A 27 -38.96 10.41 0.24
N SER A 28 -38.39 9.21 0.25
CA SER A 28 -37.79 8.56 -0.96
C SER A 28 -37.66 7.04 -0.78
N TRP A 29 -37.79 6.52 0.45
CA TRP A 29 -37.56 5.09 0.78
C TRP A 29 -38.43 4.20 -0.12
N HIS A 30 -37.81 3.28 -0.86
CA HIS A 30 -38.50 2.31 -1.75
C HIS A 30 -37.70 0.99 -1.82
N TYR A 31 -38.34 -0.12 -1.41
CA TYR A 31 -37.74 -1.48 -1.37
C TYR A 31 -37.77 -2.11 -2.78
N ASP A 32 -37.10 -1.46 -3.74
CA ASP A 32 -36.95 -1.95 -5.13
C ASP A 32 -36.75 -3.47 -5.12
N GLN A 33 -37.51 -4.21 -5.93
CA GLN A 33 -37.47 -5.69 -6.02
C GLN A 33 -36.74 -6.11 -7.31
N ASP A 34 -35.99 -5.18 -7.92
CA ASP A 34 -35.16 -5.43 -9.13
C ASP A 34 -33.69 -5.23 -8.78
N HIS A 35 -33.37 -5.19 -7.48
CA HIS A 35 -32.00 -4.95 -6.94
C HIS A 35 -31.05 -6.02 -7.47
N PRO A 36 -29.86 -5.63 -7.96
CA PRO A 36 -28.91 -6.56 -8.57
C PRO A 36 -28.12 -7.44 -7.59
N TYR A 37 -28.31 -7.24 -6.28
CA TYR A 37 -27.52 -7.92 -5.23
C TYR A 37 -28.01 -9.35 -5.04
N LYS A 38 -27.07 -10.29 -5.07
CA LYS A 38 -27.27 -11.70 -4.63
C LYS A 38 -26.55 -11.96 -3.30
N THR A 39 -25.26 -11.61 -3.24
CA THR A 39 -24.35 -11.88 -2.09
C THR A 39 -24.43 -10.77 -1.04
N TRP A 40 -24.94 -9.60 -1.43
CA TRP A 40 -25.11 -8.47 -0.47
C TRP A 40 -26.57 -8.39 -0.05
N ALA A 41 -26.85 -8.38 1.25
CA ALA A 41 -28.25 -8.23 1.74
C ALA A 41 -28.76 -6.84 1.37
N TYR A 42 -29.91 -6.78 0.68
CA TYR A 42 -30.52 -5.48 0.32
C TYR A 42 -31.56 -5.13 1.39
N HIS A 43 -31.59 -3.87 1.81
CA HIS A 43 -32.51 -3.47 2.91
C HIS A 43 -33.51 -2.43 2.42
N GLY A 44 -33.10 -1.58 1.47
CA GLY A 44 -33.98 -0.52 0.96
C GLY A 44 -33.23 0.48 0.10
N SER A 45 -33.92 1.54 -0.34
CA SER A 45 -33.28 2.53 -1.25
C SER A 45 -33.86 3.93 -1.02
N TYR A 46 -33.20 4.96 -1.54
CA TYR A 46 -33.67 6.38 -1.43
C TYR A 46 -33.02 7.20 -2.54
N GLU A 47 -33.59 8.36 -2.86
CA GLU A 47 -33.23 9.21 -4.04
C GLU A 47 -31.98 10.04 -3.72
N THR A 48 -31.05 10.13 -4.68
CA THR A 48 -29.75 10.86 -4.56
C THR A 48 -29.36 11.45 -5.92
N LYS A 49 -28.07 11.73 -6.11
CA LYS A 49 -27.47 12.23 -7.39
C LYS A 49 -26.11 12.89 -7.09
N SER A 55 -12.04 12.61 -11.85
CA SER A 55 -11.13 12.05 -12.89
C SER A 55 -9.71 12.63 -12.72
N SER A 56 -8.75 12.09 -13.49
CA SER A 56 -7.29 12.36 -13.38
C SER A 56 -6.87 13.41 -14.42
N MET A 57 -6.30 14.53 -13.95
CA MET A 57 -5.86 15.70 -14.77
C MET A 57 -4.35 15.59 -15.07
N VAL A 58 -3.87 16.19 -16.16
CA VAL A 58 -2.43 16.12 -16.53
C VAL A 58 -1.65 17.26 -15.83
N ASN A 59 -0.49 16.91 -15.27
CA ASN A 59 0.51 17.84 -14.73
C ASN A 59 1.29 18.46 -15.88
N GLY A 60 1.05 19.73 -16.20
CA GLY A 60 1.62 20.36 -17.40
C GLY A 60 3.12 20.62 -17.26
N VAL A 61 3.60 20.85 -16.05
CA VAL A 61 5.05 21.06 -15.84
C VAL A 61 5.79 19.76 -16.22
N VAL A 62 5.36 18.59 -15.73
CA VAL A 62 6.06 17.29 -16.04
C VAL A 62 5.90 17.01 -17.55
N ARG A 63 4.70 17.20 -18.11
CA ARG A 63 4.49 16.84 -19.52
C ARG A 63 5.36 17.72 -20.42
N LEU A 64 5.47 19.02 -20.18
CA LEU A 64 6.30 19.91 -21.04
C LEU A 64 7.77 19.49 -20.97
N LEU A 65 8.19 18.87 -19.87
CA LEU A 65 9.64 18.49 -19.74
C LEU A 65 9.86 17.02 -20.11
N THR A 66 8.84 16.33 -20.62
CA THR A 66 8.96 14.92 -21.05
C THR A 66 8.33 14.78 -22.46
N LYS A 67 8.69 15.64 -23.37
CA LYS A 67 8.08 15.69 -24.72
C LYS A 67 8.21 14.35 -25.48
N PRO A 68 9.33 13.62 -25.51
CA PRO A 68 9.41 12.39 -26.30
C PRO A 68 8.28 11.40 -25.96
N TRP A 69 7.74 11.49 -24.74
CA TRP A 69 6.74 10.53 -24.24
C TRP A 69 5.35 10.92 -24.70
N ASP A 70 5.22 12.06 -25.37
CA ASP A 70 3.90 12.50 -25.90
C ASP A 70 3.38 11.53 -26.98
N ILE A 71 4.24 10.67 -27.53
CA ILE A 71 3.86 9.78 -28.65
C ILE A 71 3.95 8.31 -28.22
N ILE A 72 4.15 8.03 -26.93
CA ILE A 72 4.24 6.66 -26.37
C ILE A 72 2.89 6.32 -25.76
N PRO A 73 2.06 5.46 -26.43
CA PRO A 73 0.73 5.11 -25.96
C PRO A 73 0.67 4.61 -24.50
N MET A 74 1.67 3.87 -24.05
CA MET A 74 1.66 3.35 -22.66
C MET A 74 1.64 4.55 -21.70
N VAL A 75 2.35 5.63 -22.02
CA VAL A 75 2.34 6.87 -21.16
C VAL A 75 1.02 7.62 -21.35
N THR A 76 0.63 7.94 -22.57
CA THR A 76 -0.50 8.87 -22.84
C THR A 76 -1.83 8.23 -22.46
N GLN A 77 -1.98 6.91 -22.61
CA GLN A 77 -3.25 6.22 -22.29
C GLN A 77 -3.48 6.21 -20.79
N MET A 78 -2.42 6.24 -19.99
CA MET A 78 -2.56 6.20 -18.51
C MET A 78 -3.37 7.40 -18.03
N ALA A 79 -3.35 8.55 -18.73
CA ALA A 79 -4.06 9.77 -18.26
C ALA A 79 -5.53 9.79 -18.69
N MET A 80 -6.01 8.86 -19.53
CA MET A 80 -7.42 8.87 -20.03
C MET A 80 -8.32 8.12 -19.04
N THR A 81 -9.64 8.33 -19.11
CA THR A 81 -10.67 7.43 -18.53
C THR A 81 -11.92 8.15 -18.09
N LYS A 93 -17.40 -4.00 -9.07
CA LYS A 93 -17.86 -4.71 -10.29
C LYS A 93 -18.53 -6.04 -9.89
N GLU A 94 -18.10 -7.14 -10.52
CA GLU A 94 -18.63 -8.51 -10.28
C GLU A 94 -17.75 -9.23 -9.24
N LYS A 95 -16.70 -8.54 -8.76
CA LYS A 95 -15.75 -9.06 -7.74
C LYS A 95 -16.36 -8.89 -6.35
N VAL A 96 -16.83 -7.68 -6.03
CA VAL A 96 -17.42 -7.31 -4.70
C VAL A 96 -18.65 -8.19 -4.46
N ASP A 97 -19.49 -8.38 -5.48
CA ASP A 97 -20.73 -9.20 -5.40
C ASP A 97 -20.36 -10.67 -5.64
N THR A 98 -19.49 -11.23 -4.79
CA THR A 98 -19.11 -12.67 -4.75
C THR A 98 -19.04 -13.12 -3.29
N ARG A 99 -19.21 -14.42 -3.04
CA ARG A 99 -19.19 -15.05 -1.70
C ARG A 99 -18.10 -16.13 -1.67
N THR A 100 -17.25 -16.13 -0.65
CA THR A 100 -16.20 -17.16 -0.42
C THR A 100 -16.76 -18.26 0.50
N GLN A 101 -16.61 -19.53 0.11
CA GLN A 101 -17.12 -20.70 0.86
C GLN A 101 -16.46 -20.78 2.23
N GLU A 102 -17.11 -21.43 3.20
CA GLU A 102 -16.58 -21.66 4.57
C GLU A 102 -15.46 -22.69 4.50
N PRO A 103 -14.25 -22.37 5.01
CA PRO A 103 -13.15 -23.32 5.03
C PRO A 103 -13.54 -24.61 5.75
N LYS A 104 -12.85 -25.71 5.46
CA LYS A 104 -13.04 -27.01 6.16
C LYS A 104 -12.52 -26.88 7.59
N GLU A 105 -12.91 -27.81 8.46
CA GLU A 105 -12.65 -27.78 9.92
C GLU A 105 -11.14 -27.79 10.15
N GLY A 106 -10.40 -28.61 9.41
CA GLY A 106 -8.94 -28.73 9.59
C GLY A 106 -8.23 -27.41 9.21
N THR A 107 -8.64 -26.76 8.11
CA THR A 107 -8.20 -25.40 7.70
C THR A 107 -8.45 -24.38 8.83
N LYS A 108 -9.69 -24.29 9.33
CA LYS A 108 -10.08 -23.42 10.47
C LYS A 108 -9.19 -23.62 11.71
N LYS A 109 -8.87 -24.86 12.07
CA LYS A 109 -7.97 -25.15 13.21
C LYS A 109 -6.57 -24.59 12.97
N LEU A 110 -6.02 -24.83 11.74
CA LEU A 110 -4.67 -24.41 11.27
C LEU A 110 -4.58 -22.88 11.41
N MET A 111 -5.61 -22.20 10.93
CA MET A 111 -5.71 -20.71 10.91
C MET A 111 -5.75 -20.16 12.35
N LYS A 112 -6.57 -20.76 13.22
CA LYS A 112 -6.78 -20.31 14.62
C LYS A 112 -5.46 -20.51 15.40
N ILE A 113 -4.86 -21.70 15.31
CA ILE A 113 -3.58 -22.00 16.01
C ILE A 113 -2.51 -21.03 15.52
N THR A 114 -2.46 -20.76 14.20
CA THR A 114 -1.39 -19.94 13.59
C THR A 114 -1.58 -18.48 14.00
N ALA A 115 -2.82 -17.99 13.94
CA ALA A 115 -3.20 -16.61 14.28
C ALA A 115 -2.89 -16.35 15.77
N GLU A 116 -3.21 -17.31 16.64
CA GLU A 116 -2.97 -17.19 18.10
C GLU A 116 -1.46 -17.02 18.32
N TRP A 117 -0.65 -17.91 17.76
CA TRP A 117 0.82 -17.86 17.86
C TRP A 117 1.35 -16.53 17.28
N LEU A 118 0.75 -16.01 16.20
CA LEU A 118 1.35 -14.87 15.44
C LEU A 118 1.10 -13.56 16.22
N TRP A 119 -0.10 -13.35 16.74
CA TRP A 119 -0.40 -12.22 17.66
C TRP A 119 0.53 -12.21 18.90
N LYS A 120 0.81 -13.39 19.48
CA LYS A 120 1.75 -13.51 20.63
C LYS A 120 3.15 -13.05 20.21
N GLU A 121 3.63 -13.49 19.05
CA GLU A 121 4.97 -13.10 18.58
C GLU A 121 5.02 -11.60 18.33
N LEU A 122 3.98 -11.05 17.69
CA LEU A 122 3.99 -9.62 17.31
C LEU A 122 3.90 -8.79 18.60
N GLY A 123 3.25 -9.33 19.63
CA GLY A 123 3.02 -8.68 20.93
C GLY A 123 4.18 -8.84 21.90
N LYS A 124 5.18 -9.67 21.64
CA LYS A 124 6.25 -9.90 22.66
C LYS A 124 6.94 -8.57 23.03
N LYS A 125 7.18 -7.68 22.08
CA LYS A 125 7.99 -6.45 22.30
C LYS A 125 7.14 -5.20 22.01
N LYS A 126 5.82 -5.29 22.01
CA LYS A 126 4.92 -4.16 21.75
C LYS A 126 3.79 -4.19 22.77
N THR A 127 3.25 -3.02 23.10
CA THR A 127 2.10 -2.83 24.00
C THR A 127 0.96 -2.22 23.22
N PRO A 128 -0.16 -2.91 23.03
CA PRO A 128 -1.33 -2.24 22.45
C PRO A 128 -1.71 -0.99 23.28
N ARG A 129 -2.18 0.04 22.62
CA ARG A 129 -2.55 1.29 23.31
C ARG A 129 -3.52 2.04 22.40
N MET A 130 -4.33 2.91 23.00
CA MET A 130 -5.29 3.75 22.26
C MET A 130 -4.54 4.89 21.58
N CYS A 131 -4.98 5.30 20.39
CA CYS A 131 -4.47 6.51 19.71
C CYS A 131 -5.38 7.69 20.09
N THR A 132 -4.87 8.92 20.05
CA THR A 132 -5.49 10.10 20.72
C THR A 132 -6.08 11.05 19.67
N ARG A 133 -7.13 11.79 20.06
CA ARG A 133 -7.63 12.99 19.35
C ARG A 133 -6.43 13.82 18.87
N GLU A 134 -5.48 14.05 19.79
CA GLU A 134 -4.27 14.87 19.54
C GLU A 134 -3.55 14.30 18.30
N GLU A 135 -3.25 12.99 18.30
CA GLU A 135 -2.55 12.29 17.19
C GLU A 135 -3.36 12.40 15.89
N PHE A 136 -4.68 12.21 15.98
CA PHE A 136 -5.62 12.22 14.83
C PHE A 136 -5.68 13.63 14.25
N THR A 137 -5.80 14.65 15.11
CA THR A 137 -5.88 16.09 14.74
C THR A 137 -4.66 16.47 13.90
N ARG A 138 -3.45 16.16 14.39
CA ARG A 138 -2.17 16.49 13.72
C ARG A 138 -2.15 15.78 12.36
N LYS A 139 -2.60 14.53 12.31
CA LYS A 139 -2.61 13.69 11.08
C LYS A 139 -3.37 14.45 9.98
N VAL A 140 -4.54 14.99 10.31
CA VAL A 140 -5.44 15.70 9.33
C VAL A 140 -4.71 16.98 8.87
N ARG A 141 -3.97 17.63 9.77
CA ARG A 141 -3.25 18.91 9.50
C ARG A 141 -2.06 18.63 8.59
N SER A 142 -1.36 17.51 8.79
CA SER A 142 -0.16 17.09 8.03
C SER A 142 -0.57 16.42 6.71
N ASN A 143 -1.89 16.33 6.46
CA ASN A 143 -2.47 15.69 5.25
C ASN A 143 -2.12 14.19 5.23
N ALA A 144 -3.13 13.34 5.06
CA ALA A 144 -3.01 11.87 4.94
C ALA A 144 -4.37 11.30 4.50
N ALA A 145 -4.35 10.38 3.51
CA ALA A 145 -5.56 9.74 2.96
C ALA A 145 -6.27 8.88 4.02
N LEU A 146 -7.22 9.49 4.74
CA LEU A 146 -8.02 8.84 5.81
C LEU A 146 -9.31 8.26 5.21
N GLY A 147 -9.66 8.68 3.99
CA GLY A 147 -10.86 8.23 3.26
C GLY A 147 -12.14 8.61 3.98
N ALA A 148 -12.27 9.89 4.34
CA ALA A 148 -13.44 10.45 5.07
C ALA A 148 -14.34 11.24 4.10
N ILE A 149 -15.60 11.46 4.48
CA ILE A 149 -16.60 12.22 3.68
C ILE A 149 -16.58 13.69 4.11
N TRP A 156 -19.30 20.84 8.10
CA TRP A 156 -17.84 21.06 7.90
C TRP A 156 -17.46 20.72 6.45
N LYS A 157 -16.90 21.70 5.73
CA LYS A 157 -16.38 21.54 4.34
C LYS A 157 -15.34 20.41 4.32
N SER A 158 -14.21 20.64 4.99
CA SER A 158 -13.12 19.64 5.03
C SER A 158 -13.11 18.95 6.39
N ALA A 159 -12.02 18.24 6.68
CA ALA A 159 -11.91 17.52 7.98
C ALA A 159 -11.10 18.36 8.96
N ARG A 160 -10.24 19.23 8.44
CA ARG A 160 -9.47 20.14 9.33
C ARG A 160 -10.47 20.98 10.15
N GLU A 161 -11.55 21.42 9.52
CA GLU A 161 -12.56 22.27 10.21
C GLU A 161 -13.24 21.47 11.31
N ALA A 162 -13.66 20.23 11.02
CA ALA A 162 -14.38 19.42 12.02
C ALA A 162 -13.49 19.20 13.23
N VAL A 163 -12.20 18.97 13.00
CA VAL A 163 -11.24 18.69 14.10
C VAL A 163 -11.23 19.91 15.02
N GLU A 164 -11.47 21.10 14.46
CA GLU A 164 -11.45 22.35 15.26
C GLU A 164 -12.88 22.69 15.71
N ASP A 165 -13.78 21.70 15.71
CA ASP A 165 -15.19 21.93 16.13
C ASP A 165 -15.59 20.90 17.21
N SER A 166 -15.83 21.39 18.43
CA SER A 166 -16.12 20.58 19.65
C SER A 166 -17.47 19.87 19.51
N GLY A 167 -18.30 20.29 18.55
CA GLY A 167 -19.60 19.66 18.25
C GLY A 167 -19.42 18.27 17.67
N PHE A 168 -18.42 18.13 16.79
CA PHE A 168 -18.01 16.85 16.14
C PHE A 168 -17.56 15.86 17.21
N TRP A 169 -16.71 16.30 18.15
CA TRP A 169 -16.15 15.45 19.23
C TRP A 169 -17.27 14.99 20.17
N GLU A 170 -18.30 15.81 20.37
CA GLU A 170 -19.50 15.43 21.15
C GLU A 170 -20.25 14.35 20.38
N LEU A 171 -20.27 14.47 19.04
CA LEU A 171 -20.83 13.45 18.12
C LEU A 171 -20.08 12.13 18.34
N VAL A 172 -18.74 12.18 18.26
CA VAL A 172 -17.83 11.03 18.49
C VAL A 172 -18.16 10.40 19.84
N ASP A 173 -18.25 11.23 20.89
CA ASP A 173 -18.54 10.79 22.29
C ASP A 173 -19.80 9.93 22.31
N LYS A 174 -20.88 10.43 21.69
CA LYS A 174 -22.18 9.73 21.65
C LYS A 174 -21.95 8.33 21.07
N GLU A 175 -21.33 8.26 19.89
CA GLU A 175 -21.03 6.98 19.19
C GLU A 175 -20.16 6.09 20.07
N ARG A 176 -19.12 6.68 20.67
CA ARG A 176 -18.17 5.96 21.57
C ARG A 176 -18.93 5.27 22.70
N ASN A 177 -19.81 6.00 23.42
CA ASN A 177 -20.61 5.40 24.53
C ASN A 177 -21.55 4.34 23.94
N LEU A 178 -22.09 4.56 22.74
CA LEU A 178 -22.86 3.54 21.99
C LEU A 178 -22.00 2.27 21.82
N HIS A 179 -20.78 2.41 21.31
CA HIS A 179 -19.84 1.25 21.13
C HIS A 179 -19.56 0.56 22.48
N LEU A 180 -19.36 1.32 23.56
CA LEU A 180 -19.13 0.77 24.93
C LEU A 180 -20.36 -0.06 25.35
N GLU A 181 -21.53 0.20 24.78
CA GLU A 181 -22.79 -0.52 25.12
C GLU A 181 -23.10 -1.62 24.06
N GLY A 182 -22.16 -1.96 23.19
CA GLY A 182 -22.34 -2.98 22.13
C GLY A 182 -23.32 -2.56 21.03
N LYS A 183 -23.44 -1.28 20.76
CA LYS A 183 -24.37 -0.75 19.71
C LYS A 183 -23.64 0.27 18.82
N CYS A 184 -24.18 0.51 17.63
CA CYS A 184 -23.57 1.36 16.58
C CYS A 184 -24.69 2.14 15.86
N GLU A 185 -24.44 3.42 15.52
CA GLU A 185 -25.48 4.26 14.88
C GLU A 185 -25.05 4.91 13.55
N THR A 186 -23.79 5.36 13.45
CA THR A 186 -23.33 6.23 12.32
C THR A 186 -22.09 5.66 11.63
N CYS A 187 -21.66 4.44 11.96
CA CYS A 187 -20.48 3.79 11.32
C CYS A 187 -20.90 3.03 10.04
N VAL A 188 -21.07 3.79 8.95
CA VAL A 188 -21.60 3.29 7.65
C VAL A 188 -20.58 3.59 6.52
N TYR A 189 -20.33 2.58 5.69
CA TYR A 189 -19.34 2.64 4.57
C TYR A 189 -20.00 3.25 3.34
N ASN A 190 -19.19 3.86 2.46
CA ASN A 190 -19.61 4.38 1.13
C ASN A 190 -18.72 3.77 0.05
N MET A 191 -19.32 3.13 -0.95
CA MET A 191 -18.62 2.43 -2.07
C MET A 191 -18.48 3.40 -3.26
N MET A 192 -17.29 3.46 -3.85
CA MET A 192 -16.96 4.37 -4.99
C MET A 192 -15.68 3.87 -5.68
N SER A 208 -10.16 -3.91 -9.90
CA SER A 208 -9.24 -4.32 -8.81
C SER A 208 -9.17 -3.24 -7.71
N ARG A 209 -10.14 -2.33 -7.63
CA ARG A 209 -10.13 -1.18 -6.70
C ARG A 209 -11.56 -0.68 -6.46
N ALA A 210 -12.04 -0.73 -5.21
CA ALA A 210 -13.26 -0.05 -4.70
C ALA A 210 -13.01 0.40 -3.25
N ILE A 211 -12.90 1.72 -3.03
CA ILE A 211 -12.58 2.34 -1.71
C ILE A 211 -13.86 2.54 -0.91
N TRP A 212 -13.82 2.24 0.40
CA TRP A 212 -14.96 2.37 1.35
C TRP A 212 -14.67 3.53 2.31
N TYR A 213 -15.22 4.72 2.01
CA TYR A 213 -15.11 5.94 2.85
C TYR A 213 -16.19 5.91 3.94
N MET A 214 -15.83 6.35 5.16
CA MET A 214 -16.79 6.49 6.30
C MET A 214 -16.69 7.96 6.69
N TRP A 215 -17.57 8.49 7.55
CA TRP A 215 -17.41 9.88 8.04
C TRP A 215 -16.24 9.96 9.02
N LEU A 216 -15.64 11.14 9.15
CA LEU A 216 -14.41 11.37 9.93
C LEU A 216 -14.56 10.76 11.34
N GLY A 217 -15.73 10.89 11.95
CA GLY A 217 -16.01 10.40 13.31
C GLY A 217 -15.78 8.92 13.44
N ALA A 218 -16.33 8.14 12.50
CA ALA A 218 -16.17 6.67 12.44
C ALA A 218 -14.69 6.32 12.24
N ARG A 219 -13.96 7.12 11.45
CA ARG A 219 -12.51 6.92 11.16
C ARG A 219 -11.70 7.17 12.42
N PHE A 220 -12.07 8.18 13.21
CA PHE A 220 -11.44 8.45 14.52
C PHE A 220 -11.54 7.19 15.39
N LEU A 221 -12.74 6.64 15.51
CA LEU A 221 -13.00 5.52 16.43
C LEU A 221 -12.20 4.31 15.97
N GLU A 222 -12.07 4.13 14.65
CA GLU A 222 -11.24 3.02 14.09
C GLU A 222 -9.78 3.26 14.49
N PHE A 223 -9.25 4.47 14.26
CA PHE A 223 -7.88 4.92 14.57
C PHE A 223 -7.57 4.83 16.07
N GLU A 224 -8.52 5.24 16.91
CA GLU A 224 -8.40 5.17 18.40
C GLU A 224 -8.12 3.73 18.82
N ALA A 225 -8.84 2.79 18.23
CA ALA A 225 -8.87 1.39 18.67
C ALA A 225 -7.71 0.61 18.02
N LEU A 226 -7.37 0.89 16.76
CA LEU A 226 -6.51 -0.03 15.95
C LEU A 226 -5.32 0.70 15.33
N GLY A 227 -5.21 2.01 15.50
CA GLY A 227 -4.14 2.85 14.94
C GLY A 227 -2.77 2.43 15.43
N PHE A 228 -2.71 1.84 16.63
CA PHE A 228 -1.42 1.40 17.22
C PHE A 228 -0.68 0.48 16.23
N LEU A 229 -1.39 -0.36 15.47
CA LEU A 229 -0.76 -1.35 14.56
C LEU A 229 0.22 -0.63 13.63
N ASN A 230 -0.23 0.48 13.05
CA ASN A 230 0.58 1.30 12.11
C ASN A 230 1.46 2.26 12.88
N GLU A 231 0.88 3.04 13.81
CA GLU A 231 1.62 4.13 14.53
C GLU A 231 2.81 3.54 15.30
N ASP A 232 2.70 2.32 15.86
CA ASP A 232 3.80 1.72 16.65
C ASP A 232 4.49 0.58 15.85
N HIS A 233 4.27 0.48 14.54
CA HIS A 233 5.16 -0.32 13.64
C HIS A 233 5.12 -1.81 14.02
N TRP A 234 3.94 -2.36 14.21
CA TRP A 234 3.79 -3.80 14.54
C TRP A 234 4.32 -4.69 13.39
N PHE A 235 4.22 -4.21 12.15
CA PHE A 235 4.59 -4.98 10.92
C PHE A 235 5.91 -4.46 10.34
N SER A 236 6.69 -3.76 11.16
CA SER A 236 8.14 -3.49 10.89
C SER A 236 8.84 -4.82 10.63
N ARG A 237 9.98 -4.83 9.96
CA ARG A 237 10.76 -6.08 9.78
C ARG A 237 11.34 -6.53 11.13
N GLU A 238 11.87 -5.60 11.94
CA GLU A 238 12.46 -5.90 13.28
C GLU A 238 11.45 -6.74 14.09
N ASN A 239 10.20 -6.25 14.15
CA ASN A 239 9.19 -6.80 15.08
C ASN A 239 8.46 -8.02 14.49
N SER A 240 8.21 -8.08 13.17
CA SER A 240 7.33 -9.09 12.53
C SER A 240 8.15 -10.13 11.75
N LEU A 241 9.38 -9.79 11.35
CA LEU A 241 10.35 -10.69 10.66
C LEU A 241 9.99 -10.85 9.17
N SER A 242 8.70 -10.94 8.83
CA SER A 242 8.22 -11.03 7.42
C SER A 242 7.85 -9.65 6.89
N GLY A 243 7.48 -8.73 7.78
CA GLY A 243 6.95 -7.42 7.38
C GLY A 243 8.03 -6.49 6.86
N VAL A 244 7.56 -5.45 6.18
CA VAL A 244 8.42 -4.37 5.61
C VAL A 244 7.81 -2.96 5.88
N GLU A 245 6.84 -2.84 6.79
CA GLU A 245 6.09 -1.56 6.97
C GLU A 245 7.08 -0.51 7.51
N GLY A 246 7.24 0.59 6.78
CA GLY A 246 8.17 1.69 7.14
C GLY A 246 9.58 1.50 6.57
N GLU A 247 9.81 0.44 5.79
CA GLU A 247 11.18 0.09 5.32
C GLU A 247 11.61 1.11 4.25
N GLY A 248 10.79 1.44 3.24
CA GLY A 248 11.27 2.34 2.17
C GLY A 248 11.77 1.54 0.94
N LEU A 249 11.66 2.16 -0.23
N LEU A 249 11.61 2.11 -0.25
CA LEU A 249 11.91 1.51 -1.55
CA LEU A 249 11.93 1.45 -1.55
C LEU A 249 13.41 1.26 -1.73
C LEU A 249 13.44 1.15 -1.62
N HIS A 250 14.24 2.04 -1.04
CA HIS A 250 15.73 1.93 -1.01
C HIS A 250 16.20 0.84 -0.01
N LYS A 251 15.19 0.11 0.56
CA LYS A 251 15.47 -1.01 1.49
C LYS A 251 14.94 -2.33 0.94
N LEU A 252 13.84 -2.31 0.19
CA LEU A 252 13.11 -3.55 -0.22
C LEU A 252 14.03 -4.49 -0.98
N GLY A 253 14.88 -3.94 -1.86
CA GLY A 253 15.81 -4.73 -2.67
C GLY A 253 16.83 -5.45 -1.82
N TYR A 254 17.42 -4.75 -0.85
CA TYR A 254 18.36 -5.36 0.11
C TYR A 254 17.65 -6.46 0.91
N ILE A 255 16.41 -6.21 1.30
CA ILE A 255 15.60 -7.20 2.05
C ILE A 255 15.40 -8.46 1.18
N LEU A 256 14.97 -8.34 -0.08
CA LEU A 256 14.85 -9.52 -0.98
C LEU A 256 16.18 -10.23 -1.12
N ARG A 257 17.28 -9.49 -1.29
CA ARG A 257 18.63 -10.10 -1.39
C ARG A 257 18.99 -10.91 -0.13
N ASP A 258 18.64 -10.44 1.06
CA ASP A 258 18.99 -11.16 2.32
C ASP A 258 18.23 -12.50 2.37
N VAL A 259 16.96 -12.51 2.00
CA VAL A 259 16.15 -13.75 1.87
C VAL A 259 16.89 -14.70 0.91
N SER A 260 17.21 -14.23 -0.31
CA SER A 260 17.96 -15.03 -1.32
C SER A 260 19.04 -15.85 -0.60
N LYS A 261 19.81 -15.19 0.28
CA LYS A 261 20.97 -15.78 1.00
C LYS A 261 20.57 -17.09 1.70
N LYS A 262 19.30 -17.18 2.12
CA LYS A 262 18.75 -18.32 2.90
C LYS A 262 18.69 -19.57 2.01
N GLU A 263 19.36 -20.64 2.43
CA GLU A 263 19.28 -21.96 1.74
C GLU A 263 17.80 -22.32 1.59
N GLY A 264 17.42 -22.83 0.43
CA GLY A 264 16.03 -23.23 0.11
C GLY A 264 15.76 -23.33 -1.37
N GLY A 265 14.49 -23.33 -1.75
CA GLY A 265 14.11 -23.48 -3.17
C GLY A 265 14.02 -22.14 -3.88
N ALA A 266 13.21 -22.10 -4.93
CA ALA A 266 12.93 -20.89 -5.72
C ALA A 266 12.31 -19.84 -4.81
N MET A 267 12.21 -18.61 -5.29
CA MET A 267 11.44 -17.53 -4.64
C MET A 267 10.06 -17.51 -5.31
N TYR A 268 9.00 -17.56 -4.53
CA TYR A 268 7.61 -17.60 -5.03
C TYR A 268 6.98 -16.25 -4.74
N ALA A 269 6.24 -15.73 -5.71
CA ALA A 269 5.57 -14.45 -5.57
C ALA A 269 4.22 -14.56 -6.28
N ASP A 270 3.32 -15.32 -5.69
CA ASP A 270 1.95 -15.49 -6.22
C ASP A 270 1.10 -14.35 -5.70
N ASP A 271 0.48 -13.60 -6.60
CA ASP A 271 -0.56 -12.60 -6.28
C ASP A 271 -1.90 -13.31 -6.10
N THR A 272 -2.75 -12.83 -5.18
CA THR A 272 -4.10 -13.35 -4.95
C THR A 272 -5.01 -12.60 -5.90
N ALA A 273 -6.02 -13.27 -6.43
CA ALA A 273 -7.10 -12.64 -7.24
C ALA A 273 -8.09 -11.93 -6.30
N GLY A 274 -8.09 -10.59 -6.30
CA GLY A 274 -8.94 -9.72 -5.46
C GLY A 274 -8.91 -10.10 -3.98
N TRP A 275 -7.78 -9.87 -3.33
CA TRP A 275 -7.51 -10.27 -1.92
C TRP A 275 -8.62 -9.77 -0.98
N ASP A 276 -9.02 -8.51 -1.06
CA ASP A 276 -10.00 -7.91 -0.10
C ASP A 276 -11.35 -8.64 -0.19
N THR A 277 -11.74 -9.09 -1.39
CA THR A 277 -13.01 -9.84 -1.60
C THR A 277 -12.93 -11.29 -1.10
N ARG A 278 -11.73 -11.83 -0.85
CA ARG A 278 -11.52 -13.24 -0.41
C ARG A 278 -11.27 -13.36 1.08
N ILE A 279 -11.43 -12.26 1.83
CA ILE A 279 -11.30 -12.24 3.31
C ILE A 279 -12.59 -12.83 3.90
N THR A 280 -12.47 -13.96 4.61
CA THR A 280 -13.61 -14.76 5.13
C THR A 280 -13.98 -14.22 6.50
N LEU A 281 -15.17 -14.59 6.99
CA LEU A 281 -15.55 -14.26 8.39
C LEU A 281 -14.53 -14.94 9.30
N GLU A 282 -14.00 -16.12 8.92
CA GLU A 282 -13.00 -16.83 9.76
C GLU A 282 -11.70 -15.99 9.89
N ASP A 283 -11.30 -15.32 8.81
CA ASP A 283 -10.14 -14.40 8.82
C ASP A 283 -10.44 -13.20 9.74
N LEU A 284 -11.62 -12.59 9.60
CA LEU A 284 -12.05 -11.44 10.46
C LEU A 284 -12.00 -11.80 11.95
N LYS A 285 -12.38 -13.04 12.30
CA LYS A 285 -12.41 -13.54 13.70
C LYS A 285 -10.99 -13.87 14.18
N ASN A 286 -10.10 -14.30 13.30
CA ASN A 286 -8.67 -14.54 13.69
C ASN A 286 -7.94 -13.19 13.89
N GLU A 287 -8.27 -12.18 13.10
CA GLU A 287 -7.71 -10.80 13.22
C GLU A 287 -8.15 -10.19 14.58
N GLU A 288 -9.40 -10.44 14.98
CA GLU A 288 -10.03 -9.91 16.22
C GLU A 288 -9.29 -10.41 17.47
N MET A 289 -8.57 -11.52 17.37
CA MET A 289 -7.80 -12.06 18.52
C MET A 289 -6.71 -11.10 18.97
N VAL A 290 -6.38 -10.05 18.21
CA VAL A 290 -5.49 -8.98 18.73
C VAL A 290 -6.10 -8.38 20.01
N THR A 291 -7.43 -8.31 20.13
CA THR A 291 -8.13 -7.78 21.36
C THR A 291 -7.77 -8.61 22.60
N ASN A 292 -7.40 -9.88 22.43
CA ASN A 292 -6.93 -10.72 23.56
C ASN A 292 -5.65 -10.18 24.19
N HIS A 293 -4.97 -9.22 23.58
CA HIS A 293 -3.68 -8.68 24.12
C HIS A 293 -3.92 -7.32 24.75
N MET A 294 -5.18 -6.93 24.81
CA MET A 294 -5.63 -5.56 25.18
C MET A 294 -6.24 -5.61 26.58
N GLU A 295 -6.69 -4.46 27.09
CA GLU A 295 -7.28 -4.40 28.44
C GLU A 295 -8.19 -3.19 28.58
N GLY A 296 -9.04 -3.23 29.59
CA GLY A 296 -9.85 -2.08 30.02
C GLY A 296 -10.70 -1.59 28.87
N GLU A 297 -10.88 -0.28 28.82
CA GLU A 297 -11.64 0.44 27.78
C GLU A 297 -11.16 0.03 26.37
N HIS A 298 -9.85 -0.05 26.16
CA HIS A 298 -9.26 -0.20 24.81
C HIS A 298 -9.81 -1.52 24.26
N LYS A 299 -9.65 -2.58 25.04
CA LYS A 299 -10.20 -3.91 24.70
C LYS A 299 -11.64 -3.76 24.24
N LYS A 300 -12.46 -3.00 24.96
CA LYS A 300 -13.92 -2.92 24.65
C LYS A 300 -14.10 -2.14 23.36
N LEU A 301 -13.36 -1.05 23.18
CA LEU A 301 -13.49 -0.20 21.97
C LEU A 301 -13.06 -1.02 20.73
N ALA A 302 -11.97 -1.80 20.82
CA ALA A 302 -11.42 -2.62 19.71
C ALA A 302 -12.41 -3.74 19.38
N GLU A 303 -12.95 -4.43 20.39
CA GLU A 303 -13.97 -5.49 20.21
C GLU A 303 -15.17 -4.94 19.43
N ALA A 304 -15.58 -3.72 19.74
CA ALA A 304 -16.74 -3.08 19.11
C ALA A 304 -16.44 -2.77 17.64
N ILE A 305 -15.25 -2.28 17.31
CA ILE A 305 -14.92 -1.98 15.88
C ILE A 305 -15.02 -3.31 15.10
N PHE A 306 -14.40 -4.37 15.62
CA PHE A 306 -14.38 -5.72 14.99
C PHE A 306 -15.80 -6.30 14.85
N LYS A 307 -16.57 -6.35 15.95
CA LYS A 307 -17.98 -6.86 16.00
C LYS A 307 -18.89 -6.03 15.11
N LEU A 308 -18.87 -4.70 15.23
CA LEU A 308 -19.97 -3.84 14.74
C LEU A 308 -19.68 -3.26 13.35
N THR A 309 -18.43 -2.99 12.99
CA THR A 309 -18.09 -2.34 11.69
C THR A 309 -17.38 -3.33 10.74
N TYR A 310 -16.70 -4.37 11.22
CA TYR A 310 -15.88 -5.28 10.34
C TYR A 310 -16.68 -6.56 10.08
N GLN A 311 -17.11 -7.26 11.13
CA GLN A 311 -17.83 -8.56 11.04
C GLN A 311 -19.31 -8.38 10.70
N ASN A 312 -19.83 -7.15 10.73
CA ASN A 312 -21.27 -6.85 10.46
C ASN A 312 -21.38 -5.45 9.82
N LYS A 313 -21.03 -5.33 8.54
CA LYS A 313 -20.89 -4.03 7.83
C LYS A 313 -22.25 -3.49 7.41
N VAL A 314 -22.28 -2.24 6.93
CA VAL A 314 -23.47 -1.56 6.34
C VAL A 314 -22.94 -0.51 5.37
N VAL A 315 -23.43 -0.53 4.12
CA VAL A 315 -22.83 0.25 3.02
C VAL A 315 -23.92 0.94 2.23
N ARG A 316 -23.63 2.16 1.78
CA ARG A 316 -24.44 2.92 0.82
C ARG A 316 -23.69 2.91 -0.52
N VAL A 317 -24.36 2.48 -1.59
CA VAL A 317 -23.81 2.41 -2.98
C VAL A 317 -24.78 3.12 -3.93
N GLN A 318 -24.29 4.09 -4.70
CA GLN A 318 -25.06 4.80 -5.76
C GLN A 318 -25.26 3.86 -6.96
N ARG A 319 -26.48 3.82 -7.49
CA ARG A 319 -26.84 3.02 -8.70
C ARG A 319 -27.53 3.95 -9.71
N PRO A 320 -26.98 4.09 -10.94
CA PRO A 320 -27.57 5.01 -11.94
C PRO A 320 -29.06 4.89 -12.32
N THR A 321 -29.63 3.70 -12.17
CA THR A 321 -31.05 3.36 -12.51
C THR A 321 -32.00 4.31 -11.75
N THR A 325 -30.64 7.68 -10.25
CA THR A 325 -29.65 7.41 -9.18
C THR A 325 -30.38 7.18 -7.84
N VAL A 326 -30.31 5.96 -7.31
CA VAL A 326 -30.89 5.58 -5.98
C VAL A 326 -29.76 5.00 -5.11
N MET A 327 -29.53 5.60 -3.94
CA MET A 327 -28.56 5.12 -2.92
C MET A 327 -29.09 3.80 -2.35
N ASP A 328 -28.35 2.71 -2.54
CA ASP A 328 -28.70 1.34 -2.07
C ASP A 328 -28.06 1.10 -0.69
N ILE A 329 -28.86 0.66 0.28
CA ILE A 329 -28.40 0.31 1.65
C ILE A 329 -28.33 -1.21 1.77
N ILE A 330 -27.11 -1.76 1.66
CA ILE A 330 -26.83 -3.22 1.66
C ILE A 330 -25.94 -3.56 2.86
N SER A 331 -25.83 -4.84 3.18
CA SER A 331 -25.03 -5.33 4.32
C SER A 331 -24.43 -6.69 3.98
N ARG A 332 -23.36 -7.08 4.69
CA ARG A 332 -22.70 -8.40 4.59
C ARG A 332 -21.79 -8.61 5.81
N ARG A 333 -21.32 -9.85 6.01
CA ARG A 333 -20.54 -10.27 7.21
C ARG A 333 -19.15 -10.80 6.82
N ASP A 334 -18.64 -10.40 5.66
CA ASP A 334 -17.35 -10.93 5.11
C ASP A 334 -16.69 -9.87 4.21
N GLN A 335 -15.53 -10.21 3.65
CA GLN A 335 -14.72 -9.32 2.78
C GLN A 335 -14.08 -8.23 3.65
N ARG A 336 -13.00 -7.62 3.16
CA ARG A 336 -12.27 -6.52 3.84
C ARG A 336 -13.07 -5.23 3.71
N GLY A 337 -13.47 -4.67 4.87
CA GLY A 337 -14.03 -3.32 5.02
C GLY A 337 -13.41 -2.63 6.21
N SER A 338 -12.55 -1.64 5.96
CA SER A 338 -11.78 -0.87 6.97
C SER A 338 -11.07 0.29 6.27
N GLY A 339 -10.55 1.26 7.04
CA GLY A 339 -9.62 2.29 6.55
C GLY A 339 -8.46 1.65 5.81
N GLN A 340 -7.83 2.36 4.88
CA GLN A 340 -6.74 1.80 4.04
C GLN A 340 -5.59 1.37 4.95
N VAL A 341 -5.31 2.12 6.01
CA VAL A 341 -4.10 1.89 6.87
C VAL A 341 -4.35 0.69 7.79
N VAL A 342 -5.52 0.58 8.42
CA VAL A 342 -5.83 -0.66 9.19
C VAL A 342 -5.91 -1.86 8.24
N THR A 343 -6.48 -1.67 7.05
CA THR A 343 -6.57 -2.69 5.97
C THR A 343 -5.17 -3.26 5.69
N TYR A 344 -4.17 -2.38 5.57
CA TYR A 344 -2.78 -2.76 5.28
C TYR A 344 -2.27 -3.71 6.38
N GLY A 345 -2.45 -3.35 7.66
CA GLY A 345 -1.88 -4.13 8.77
C GLY A 345 -2.56 -5.49 8.89
N LEU A 346 -3.87 -5.54 8.74
CA LEU A 346 -4.64 -6.81 8.88
C LEU A 346 -4.42 -7.68 7.63
N ASN A 347 -4.28 -7.07 6.46
CA ASN A 347 -3.87 -7.79 5.23
C ASN A 347 -2.49 -8.42 5.46
N THR A 348 -1.50 -7.68 5.98
CA THR A 348 -0.16 -8.21 6.25
C THR A 348 -0.27 -9.41 7.22
N PHE A 349 -1.04 -9.27 8.30
CA PHE A 349 -1.21 -10.31 9.35
C PHE A 349 -1.74 -11.61 8.71
N THR A 350 -2.86 -11.51 7.99
CA THR A 350 -3.61 -12.67 7.45
C THR A 350 -2.78 -13.30 6.33
N ASN A 351 -2.04 -12.48 5.58
CA ASN A 351 -1.11 -12.95 4.52
C ASN A 351 0.05 -13.72 5.16
N MET A 352 0.65 -13.19 6.23
CA MET A 352 1.73 -13.88 6.99
C MET A 352 1.21 -15.26 7.46
N GLU A 353 -0.02 -15.30 7.97
CA GLU A 353 -0.66 -16.54 8.49
C GLU A 353 -0.82 -17.55 7.33
N ALA A 354 -1.44 -17.13 6.25
CA ALA A 354 -1.66 -17.99 5.07
C ALA A 354 -0.33 -18.55 4.53
N GLN A 355 0.71 -17.72 4.44
CA GLN A 355 2.00 -18.16 3.86
C GLN A 355 2.74 -19.14 4.80
N LEU A 356 2.68 -18.96 6.12
CA LEU A 356 3.32 -19.87 7.12
C LEU A 356 2.64 -21.25 7.07
N ILE A 357 1.33 -21.26 6.79
CA ILE A 357 0.55 -22.52 6.63
C ILE A 357 0.96 -23.18 5.32
N ARG A 358 0.96 -22.42 4.21
CA ARG A 358 1.39 -22.97 2.91
C ARG A 358 2.79 -23.57 3.08
N GLN A 359 3.69 -22.94 3.81
CA GLN A 359 5.02 -23.51 4.15
C GLN A 359 4.86 -24.83 4.96
N MET A 360 3.90 -24.92 5.89
CA MET A 360 3.70 -26.15 6.69
C MET A 360 3.21 -27.29 5.79
N GLU A 361 2.28 -27.00 4.87
CA GLU A 361 1.82 -27.98 3.87
C GLU A 361 2.99 -28.48 3.03
N GLY A 362 3.87 -27.61 2.56
CA GLY A 362 5.03 -28.04 1.73
C GLY A 362 6.00 -28.91 2.53
N GLU A 363 6.10 -28.69 3.83
CA GLU A 363 7.01 -29.47 4.70
C GLU A 363 6.33 -30.76 5.22
N GLY A 364 5.07 -31.00 4.87
CA GLY A 364 4.31 -32.15 5.39
C GLY A 364 4.24 -32.15 6.90
N VAL A 365 3.77 -31.04 7.49
CA VAL A 365 3.46 -30.90 8.94
C VAL A 365 2.04 -31.42 9.19
N PHE A 366 1.21 -31.37 8.16
CA PHE A 366 -0.20 -31.86 8.16
C PHE A 366 -0.55 -32.42 6.77
N LYS A 367 -1.29 -33.52 6.75
CA LYS A 367 -1.57 -34.32 5.53
C LYS A 367 -2.86 -33.82 4.87
N SER A 368 -3.92 -33.59 5.66
CA SER A 368 -5.27 -33.26 5.15
C SER A 368 -5.85 -32.04 5.87
N ILE A 369 -6.61 -31.22 5.13
CA ILE A 369 -7.27 -29.98 5.63
C ILE A 369 -8.71 -30.30 6.05
N GLN A 370 -9.18 -31.51 5.76
CA GLN A 370 -10.58 -31.90 6.09
C GLN A 370 -10.72 -31.94 7.61
N HIS A 371 -9.72 -32.51 8.28
CA HIS A 371 -9.74 -32.61 9.76
C HIS A 371 -8.30 -32.72 10.26
N LEU A 372 -8.03 -32.16 11.44
CA LEU A 372 -6.65 -32.19 12.00
C LEU A 372 -6.62 -33.18 13.18
N THR A 373 -5.71 -34.14 13.13
CA THR A 373 -5.56 -35.12 14.25
C THR A 373 -5.01 -34.38 15.46
N VAL A 374 -5.19 -34.94 16.65
CA VAL A 374 -4.62 -34.32 17.88
C VAL A 374 -3.09 -34.30 17.72
N THR A 375 -2.54 -35.35 17.12
CA THR A 375 -1.06 -35.41 16.89
C THR A 375 -0.66 -34.29 15.93
N GLU A 376 -1.47 -34.05 14.88
CA GLU A 376 -1.14 -33.01 13.87
C GLU A 376 -1.16 -31.63 14.54
N GLU A 377 -2.11 -31.38 15.44
CA GLU A 377 -2.17 -30.09 16.17
C GLU A 377 -0.87 -29.91 16.95
N ILE A 378 -0.42 -30.96 17.64
CA ILE A 378 0.84 -30.88 18.43
C ILE A 378 1.99 -30.57 17.47
N ALA A 379 2.01 -31.22 16.31
CA ALA A 379 3.11 -31.02 15.34
C ALA A 379 3.12 -29.57 14.84
N VAL A 380 1.95 -29.03 14.50
CA VAL A 380 1.85 -27.63 14.00
C VAL A 380 2.37 -26.68 15.08
N LYS A 381 1.96 -26.90 16.33
CA LYS A 381 2.37 -26.02 17.44
C LYS A 381 3.88 -26.16 17.66
N ASN A 382 4.39 -27.40 17.62
CA ASN A 382 5.85 -27.64 17.83
C ASN A 382 6.63 -27.01 16.68
N TRP A 383 6.09 -27.06 15.47
CA TRP A 383 6.74 -26.44 14.27
C TRP A 383 6.85 -24.93 14.50
N LEU A 384 5.75 -24.29 14.91
CA LEU A 384 5.73 -22.82 15.11
C LEU A 384 6.74 -22.44 16.21
N VAL A 385 6.77 -23.19 17.30
CA VAL A 385 7.66 -22.87 18.45
C VAL A 385 9.12 -23.11 18.04
N ARG A 386 9.36 -24.17 17.27
CA ARG A 386 10.76 -24.54 16.94
C ARG A 386 11.30 -23.76 15.73
N VAL A 387 10.46 -23.48 14.73
CA VAL A 387 10.99 -22.85 13.46
C VAL A 387 10.16 -21.66 12.98
N GLY A 388 9.07 -21.30 13.66
CA GLY A 388 8.13 -20.24 13.24
C GLY A 388 8.87 -18.96 12.88
N ARG A 389 9.80 -18.55 13.72
CA ARG A 389 10.51 -17.26 13.53
C ARG A 389 11.41 -17.39 12.31
N GLU A 390 12.10 -18.52 12.16
CA GLU A 390 12.99 -18.78 10.99
C GLU A 390 12.16 -18.76 9.69
N ARG A 391 10.94 -19.30 9.73
CA ARG A 391 10.05 -19.37 8.55
C ARG A 391 9.50 -17.99 8.17
N LEU A 392 9.26 -17.11 9.16
CA LEU A 392 8.79 -15.72 8.93
C LEU A 392 9.91 -14.88 8.28
N SER A 393 11.17 -15.20 8.64
CA SER A 393 12.34 -14.49 8.09
C SER A 393 12.59 -14.85 6.62
N ARG A 394 11.93 -15.90 6.11
CA ARG A 394 12.08 -16.39 4.71
C ARG A 394 11.02 -15.73 3.83
N MET A 395 10.33 -14.71 4.34
CA MET A 395 9.29 -14.01 3.57
C MET A 395 9.43 -12.48 3.66
N ALA A 396 8.90 -11.79 2.65
CA ALA A 396 8.76 -10.33 2.63
C ALA A 396 7.28 -10.10 2.26
N ILE A 397 6.50 -9.53 3.16
CA ILE A 397 5.03 -9.40 3.03
C ILE A 397 4.64 -7.94 3.26
N SER A 398 3.90 -7.42 2.29
CA SER A 398 3.39 -6.04 2.27
C SER A 398 1.92 -6.13 1.93
N GLY A 399 1.06 -6.10 2.95
CA GLY A 399 -0.38 -6.29 2.69
C GLY A 399 -0.64 -7.59 1.96
N ASP A 400 -1.33 -7.52 0.82
CA ASP A 400 -1.70 -8.72 0.04
C ASP A 400 -0.54 -9.14 -0.86
N ASP A 401 0.60 -8.47 -0.79
CA ASP A 401 1.74 -8.81 -1.67
C ASP A 401 2.76 -9.61 -0.90
N CYS A 402 3.32 -10.68 -1.47
CA CYS A 402 4.34 -11.50 -0.80
C CYS A 402 5.43 -12.07 -1.73
N VAL A 403 6.58 -12.35 -1.13
CA VAL A 403 7.71 -13.15 -1.68
C VAL A 403 8.06 -14.17 -0.60
N VAL A 404 8.13 -15.45 -0.94
CA VAL A 404 8.49 -16.55 0.02
C VAL A 404 9.64 -17.32 -0.58
N LYS A 405 10.69 -17.54 0.21
CA LYS A 405 11.77 -18.49 -0.11
C LYS A 405 11.63 -19.70 0.81
N PRO A 406 10.82 -20.69 0.41
CA PRO A 406 10.58 -21.85 1.25
C PRO A 406 11.82 -22.75 1.36
N LEU A 407 11.72 -23.70 2.28
CA LEU A 407 12.78 -24.69 2.55
C LEU A 407 13.15 -25.46 1.25
N ASP A 408 12.19 -25.71 0.37
CA ASP A 408 12.44 -26.43 -0.91
C ASP A 408 11.25 -26.23 -1.84
N ASP A 409 11.22 -26.86 -3.01
CA ASP A 409 10.17 -26.55 -4.03
C ASP A 409 8.92 -27.42 -3.85
N ARG A 410 8.76 -28.20 -2.77
CA ARG A 410 7.44 -28.86 -2.52
C ARG A 410 6.36 -27.78 -2.30
N PHE A 411 6.76 -26.58 -1.83
CA PHE A 411 5.87 -25.41 -1.66
C PHE A 411 5.05 -25.14 -2.94
N ALA A 412 5.65 -25.30 -4.13
CA ALA A 412 5.06 -24.95 -5.44
C ALA A 412 3.73 -25.67 -5.67
N SER A 413 3.62 -26.92 -5.23
CA SER A 413 2.39 -27.73 -5.43
C SER A 413 1.62 -27.89 -4.10
N ALA A 414 1.95 -27.16 -3.03
CA ALA A 414 1.21 -27.22 -1.75
C ALA A 414 0.07 -26.22 -1.83
N LEU A 415 -1.09 -26.65 -2.30
CA LEU A 415 -2.16 -25.72 -2.73
C LEU A 415 -3.51 -25.92 -2.03
N THR A 416 -3.67 -26.99 -1.25
CA THR A 416 -4.99 -27.39 -0.68
C THR A 416 -5.42 -26.35 0.35
N ALA A 417 -4.55 -26.05 1.33
CA ALA A 417 -4.84 -25.06 2.40
C ALA A 417 -5.00 -23.65 1.81
N LEU A 418 -4.13 -23.26 0.86
CA LEU A 418 -4.22 -21.90 0.24
C LEU A 418 -5.56 -21.74 -0.48
N ASN A 419 -5.95 -22.72 -1.30
CA ASN A 419 -7.22 -22.66 -2.07
C ASN A 419 -8.41 -22.68 -1.09
N ASP A 420 -8.39 -23.56 -0.07
CA ASP A 420 -9.50 -23.72 0.90
C ASP A 420 -9.64 -22.48 1.81
N MET A 421 -8.57 -21.73 2.06
CA MET A 421 -8.69 -20.44 2.81
C MET A 421 -9.33 -19.39 1.90
N GLY A 422 -9.51 -19.71 0.61
CA GLY A 422 -10.07 -18.80 -0.43
C GLY A 422 -9.07 -17.82 -1.01
N LYS A 423 -7.77 -17.99 -0.74
CA LYS A 423 -6.68 -17.13 -1.28
C LYS A 423 -6.20 -17.69 -2.63
N VAL A 424 -7.10 -17.67 -3.60
CA VAL A 424 -6.92 -18.30 -4.94
C VAL A 424 -5.94 -17.43 -5.73
N ARG A 425 -4.92 -18.05 -6.33
CA ARG A 425 -3.84 -17.36 -7.07
C ARG A 425 -4.44 -16.73 -8.34
N LYS A 426 -3.95 -15.53 -8.71
CA LYS A 426 -4.27 -14.79 -9.96
C LYS A 426 -3.59 -15.48 -11.18
N ASP A 427 -4.26 -15.57 -12.33
CA ASP A 427 -3.66 -15.89 -13.65
C ASP A 427 -2.87 -17.22 -13.64
N ILE A 428 -3.46 -18.27 -13.08
CA ILE A 428 -2.92 -19.66 -13.09
C ILE A 428 -4.08 -20.56 -12.66
N GLN A 429 -4.13 -21.79 -13.20
CA GLN A 429 -5.20 -22.78 -12.89
C GLN A 429 -5.12 -23.17 -11.41
N GLN A 430 -6.28 -23.39 -10.79
CA GLN A 430 -6.43 -23.61 -9.32
C GLN A 430 -5.40 -24.64 -8.85
N TRP A 431 -5.20 -25.72 -9.60
CA TRP A 431 -4.36 -26.86 -9.16
C TRP A 431 -3.02 -26.96 -9.90
N GLU A 432 -2.64 -25.97 -10.69
CA GLU A 432 -1.33 -25.92 -11.40
C GLU A 432 -0.24 -25.43 -10.43
N PRO A 433 0.93 -26.09 -10.33
CA PRO A 433 1.97 -25.68 -9.40
C PRO A 433 2.49 -24.27 -9.73
N SER A 434 2.81 -23.49 -8.69
CA SER A 434 3.38 -22.15 -8.81
C SER A 434 4.70 -22.23 -9.57
N ARG A 435 4.98 -21.22 -10.41
CA ARG A 435 6.28 -21.00 -11.10
C ARG A 435 7.13 -20.06 -10.24
N GLY A 436 8.23 -20.57 -9.69
CA GLY A 436 9.13 -19.79 -8.83
C GLY A 436 10.18 -19.05 -9.64
N TRP A 437 10.94 -18.19 -8.98
CA TRP A 437 12.00 -17.38 -9.61
C TRP A 437 13.31 -17.91 -9.10
N ASN A 438 14.31 -18.03 -9.96
CA ASN A 438 15.64 -18.51 -9.54
C ASN A 438 16.58 -17.35 -9.24
N ASP A 439 16.24 -16.14 -9.66
CA ASP A 439 17.13 -14.94 -9.49
C ASP A 439 16.34 -13.85 -8.72
N TRP A 440 16.82 -13.43 -7.56
CA TRP A 440 16.16 -12.41 -6.71
C TRP A 440 15.99 -11.10 -7.48
N THR A 441 16.77 -10.84 -8.52
CA THR A 441 16.70 -9.56 -9.32
C THR A 441 15.56 -9.59 -10.35
N GLN A 442 14.84 -10.70 -10.46
CA GLN A 442 13.68 -10.86 -11.38
C GLN A 442 12.37 -11.00 -10.62
N VAL A 443 12.43 -11.15 -9.29
CA VAL A 443 11.21 -11.29 -8.44
C VAL A 443 10.46 -9.96 -8.44
N PRO A 444 9.15 -9.97 -8.74
CA PRO A 444 8.32 -8.79 -8.57
C PRO A 444 7.92 -8.62 -7.10
N PHE A 445 7.93 -7.41 -6.56
CA PHE A 445 7.44 -7.07 -5.19
C PHE A 445 7.12 -5.59 -5.14
N CYS A 446 5.95 -5.22 -4.62
CA CYS A 446 5.46 -3.83 -4.45
C CYS A 446 5.62 -3.04 -5.75
N SER A 447 5.27 -3.68 -6.87
CA SER A 447 5.21 -3.09 -8.23
C SER A 447 6.63 -2.80 -8.77
N HIS A 448 7.67 -3.37 -8.16
CA HIS A 448 9.08 -3.17 -8.57
C HIS A 448 9.82 -4.49 -8.81
N HIS A 449 10.99 -4.39 -9.47
CA HIS A 449 12.09 -5.37 -9.37
C HIS A 449 13.33 -4.59 -8.94
N PHE A 450 14.41 -5.29 -8.65
CA PHE A 450 15.60 -4.70 -8.00
C PHE A 450 16.84 -5.13 -8.76
N HIS A 451 17.72 -4.15 -9.03
CA HIS A 451 19.01 -4.37 -9.71
C HIS A 451 20.12 -4.23 -8.67
N GLU A 452 21.19 -5.04 -8.83
CA GLU A 452 22.47 -4.87 -8.09
C GLU A 452 23.41 -4.03 -8.95
N LEU A 453 23.82 -2.87 -8.45
CA LEU A 453 24.59 -1.87 -9.22
C LEU A 453 25.87 -1.58 -8.45
N ILE A 454 27.01 -1.77 -9.12
CA ILE A 454 28.33 -1.60 -8.46
C ILE A 454 28.85 -0.20 -8.80
N MET A 455 29.20 0.54 -7.76
CA MET A 455 29.75 1.90 -7.89
C MET A 455 31.23 1.80 -8.30
N LYS A 456 31.75 2.86 -8.92
N LYS A 456 31.73 2.88 -8.92
CA LYS A 456 33.15 2.93 -9.41
CA LYS A 456 33.14 3.01 -9.39
C LYS A 456 34.12 2.59 -8.27
C LYS A 456 34.10 2.58 -8.27
N ASP A 457 33.74 2.87 -7.01
CA ASP A 457 34.57 2.52 -5.82
C ASP A 457 34.24 1.13 -5.21
N GLY A 458 33.49 0.29 -5.92
CA GLY A 458 33.24 -1.11 -5.51
C GLY A 458 32.12 -1.25 -4.49
N ARG A 459 31.52 -0.17 -3.98
CA ARG A 459 30.39 -0.35 -3.04
C ARG A 459 29.12 -0.78 -3.80
N VAL A 460 28.24 -1.50 -3.14
CA VAL A 460 27.11 -2.17 -3.82
C VAL A 460 25.80 -1.45 -3.50
N LEU A 461 25.13 -0.97 -4.53
CA LEU A 461 23.76 -0.43 -4.41
C LEU A 461 22.76 -1.50 -4.89
N VAL A 462 21.68 -1.70 -4.16
CA VAL A 462 20.51 -2.51 -4.60
C VAL A 462 19.37 -1.53 -4.78
N VAL A 463 18.96 -1.33 -6.01
CA VAL A 463 18.13 -0.17 -6.42
C VAL A 463 16.79 -0.67 -6.91
N PRO A 464 15.71 0.08 -6.66
CA PRO A 464 14.37 -0.26 -7.13
C PRO A 464 14.18 0.18 -8.58
N CYS A 465 13.32 -0.53 -9.32
CA CYS A 465 13.15 -0.28 -10.77
C CYS A 465 11.76 -0.75 -11.18
N ARG A 466 11.17 -0.09 -12.16
CA ARG A 466 10.02 -0.61 -12.91
C ARG A 466 10.01 -0.03 -14.31
N ASN A 467 9.13 -0.54 -15.14
CA ASN A 467 9.02 -0.05 -16.53
C ASN A 467 8.92 1.48 -16.50
N GLN A 468 9.75 2.14 -17.28
CA GLN A 468 9.91 3.60 -17.20
C GLN A 468 8.66 4.28 -17.74
N ASP A 469 7.92 3.65 -18.65
CA ASP A 469 6.63 4.21 -19.11
C ASP A 469 5.70 4.40 -17.90
N GLU A 470 5.69 3.47 -16.96
CA GLU A 470 4.82 3.54 -15.76
C GLU A 470 5.26 4.74 -14.90
N LEU A 471 6.55 4.92 -14.71
CA LEU A 471 7.07 6.03 -13.88
C LEU A 471 6.72 7.38 -14.51
N ILE A 472 6.92 7.54 -15.80
CA ILE A 472 6.64 8.82 -16.48
C ILE A 472 5.13 9.07 -16.55
N GLY A 473 4.35 8.04 -16.85
CA GLY A 473 2.88 8.15 -16.95
C GLY A 473 2.24 8.56 -15.61
N ARG A 474 2.74 8.06 -14.48
CA ARG A 474 2.20 8.44 -13.14
C ARG A 474 2.60 9.90 -12.80
N ALA A 475 3.81 10.34 -13.12
CA ALA A 475 4.29 11.69 -12.78
C ALA A 475 3.50 12.74 -13.59
N ARG A 476 2.91 12.36 -14.71
CA ARG A 476 2.14 13.27 -15.62
C ARG A 476 0.70 13.42 -15.15
N ILE A 477 0.32 12.74 -14.09
CA ILE A 477 -1.07 12.79 -13.57
C ILE A 477 -1.10 13.52 -12.22
N SER A 478 -2.05 14.44 -12.07
N SER A 478 -2.01 14.48 -12.06
CA SER A 478 -2.41 15.14 -10.81
CA SER A 478 -2.36 15.12 -10.76
C SER A 478 -3.79 14.65 -10.34
C SER A 478 -3.78 14.66 -10.33
N GLN A 479 -3.93 14.35 -9.04
CA GLN A 479 -5.24 13.95 -8.43
C GLN A 479 -6.02 15.20 -8.00
N GLY A 480 -7.30 15.25 -8.34
CA GLY A 480 -8.18 16.41 -8.08
C GLY A 480 -7.85 17.58 -8.99
N ALA A 481 -8.61 18.66 -8.84
CA ALA A 481 -8.47 19.90 -9.62
C ALA A 481 -8.59 21.13 -8.68
N GLY A 482 -8.54 22.34 -9.25
CA GLY A 482 -8.38 23.60 -8.50
C GLY A 482 -6.92 23.89 -8.22
N TRP A 483 -5.98 23.21 -8.89
CA TRP A 483 -4.54 23.37 -8.63
C TRP A 483 -4.05 24.68 -9.26
N SER A 484 -3.33 25.49 -8.52
CA SER A 484 -2.64 26.65 -9.08
C SER A 484 -1.44 26.16 -9.91
N LEU A 485 -0.80 27.06 -10.68
CA LEU A 485 0.44 26.75 -11.42
C LEU A 485 1.55 26.40 -10.42
N ARG A 486 1.59 27.12 -9.30
CA ARG A 486 2.62 26.90 -8.27
C ARG A 486 2.48 25.51 -7.64
N GLU A 487 1.25 25.10 -7.31
CA GLU A 487 0.93 23.78 -6.70
C GLU A 487 1.30 22.66 -7.70
N THR A 488 0.95 22.85 -8.98
CA THR A 488 1.28 21.86 -10.08
C THR A 488 2.81 21.70 -10.17
N ALA A 489 3.56 22.81 -10.15
CA ALA A 489 5.03 22.80 -10.24
C ALA A 489 5.62 22.06 -9.03
N CYS A 490 5.07 22.27 -7.82
CA CYS A 490 5.59 21.66 -6.57
C CYS A 490 5.32 20.16 -6.57
N LEU A 491 4.20 19.72 -7.15
CA LEU A 491 3.96 18.26 -7.37
C LEU A 491 4.94 17.71 -8.41
N GLY A 492 5.21 18.42 -9.50
CA GLY A 492 6.24 17.98 -10.45
C GLY A 492 7.59 17.82 -9.75
N LYS A 493 7.94 18.75 -8.87
CA LYS A 493 9.22 18.74 -8.13
C LYS A 493 9.28 17.54 -7.17
N SER A 494 8.19 17.18 -6.50
CA SER A 494 8.13 15.95 -5.65
C SER A 494 8.49 14.73 -6.50
N TYR A 495 7.88 14.55 -7.67
CA TYR A 495 8.23 13.42 -8.58
C TYR A 495 9.71 13.47 -8.97
N ALA A 496 10.20 14.65 -9.38
CA ALA A 496 11.59 14.82 -9.81
C ALA A 496 12.52 14.40 -8.68
N GLN A 497 12.24 14.84 -7.44
CA GLN A 497 13.13 14.51 -6.29
C GLN A 497 13.02 12.99 -5.99
N MET A 498 11.84 12.40 -6.13
CA MET A 498 11.72 10.94 -5.90
C MET A 498 12.60 10.24 -6.95
N TRP A 499 12.59 10.73 -8.18
CA TRP A 499 13.35 10.07 -9.27
C TRP A 499 14.85 10.15 -8.96
N SER A 500 15.35 11.31 -8.52
N SER A 500 15.36 11.31 -8.52
CA SER A 500 16.77 11.53 -8.17
CA SER A 500 16.79 11.51 -8.20
C SER A 500 17.18 10.58 -7.05
C SER A 500 17.20 10.60 -7.03
N LEU A 501 16.28 10.27 -6.12
CA LEU A 501 16.60 9.43 -4.95
C LEU A 501 16.49 7.93 -5.21
N MET A 502 15.46 7.48 -5.94
CA MET A 502 15.12 6.05 -6.10
C MET A 502 15.56 5.56 -7.50
N TYR A 503 15.45 6.40 -8.54
CA TYR A 503 15.56 5.98 -9.96
C TYR A 503 16.71 6.71 -10.67
N PHE A 504 17.74 7.14 -9.93
CA PHE A 504 18.90 7.92 -10.43
C PHE A 504 19.65 7.11 -11.49
N HIS A 505 19.51 5.79 -11.41
CA HIS A 505 20.23 4.81 -12.28
C HIS A 505 19.58 4.70 -13.67
N ARG A 506 18.45 5.37 -13.91
CA ARG A 506 17.75 5.41 -15.20
C ARG A 506 18.15 6.73 -15.85
N ARG A 507 18.87 6.67 -16.98
CA ARG A 507 19.42 7.82 -17.73
C ARG A 507 18.31 8.83 -17.96
N ASP A 508 17.14 8.41 -18.44
CA ASP A 508 16.10 9.40 -18.83
C ASP A 508 15.52 10.09 -17.56
N LEU A 509 15.47 9.39 -16.43
CA LEU A 509 14.79 9.93 -15.22
C LEU A 509 15.75 10.90 -14.54
N ARG A 510 17.06 10.65 -14.55
CA ARG A 510 18.05 11.55 -13.92
C ARG A 510 18.06 12.86 -14.70
N LEU A 511 17.96 12.78 -16.02
CA LEU A 511 17.95 13.99 -16.89
C LEU A 511 16.64 14.75 -16.69
N ALA A 512 15.49 14.08 -16.68
CA ALA A 512 14.18 14.76 -16.58
C ALA A 512 14.05 15.38 -15.17
N ALA A 513 14.57 14.69 -14.15
CA ALA A 513 14.54 15.12 -12.74
C ALA A 513 15.33 16.43 -12.62
N ASN A 514 16.54 16.45 -13.17
CA ASN A 514 17.38 17.67 -13.23
C ASN A 514 16.67 18.78 -13.99
N ALA A 515 16.06 18.47 -15.12
CA ALA A 515 15.30 19.47 -15.90
C ALA A 515 14.17 20.05 -15.05
N ILE A 516 13.36 19.21 -14.40
CA ILE A 516 12.17 19.69 -13.63
C ILE A 516 12.68 20.56 -12.46
N CYS A 517 13.73 20.14 -11.74
CA CYS A 517 14.28 20.89 -10.60
C CYS A 517 14.94 22.20 -11.07
N SER A 518 15.33 22.31 -12.35
CA SER A 518 15.88 23.54 -12.95
C SER A 518 14.72 24.45 -13.37
N ALA A 519 13.55 23.87 -13.67
CA ALA A 519 12.40 24.62 -14.25
C ALA A 519 11.49 25.17 -13.16
N VAL A 520 11.57 24.64 -11.96
CA VAL A 520 10.74 25.03 -10.78
C VAL A 520 11.62 25.88 -9.85
N PRO A 521 11.09 27.00 -9.31
CA PRO A 521 11.87 27.89 -8.44
C PRO A 521 12.55 27.10 -7.33
N SER A 522 13.85 27.37 -7.14
N SER A 522 13.85 27.39 -7.14
CA SER A 522 14.78 26.62 -6.25
CA SER A 522 14.79 26.66 -6.25
C SER A 522 14.18 26.42 -4.85
C SER A 522 14.19 26.44 -4.86
N HIS A 523 13.54 27.46 -4.29
CA HIS A 523 13.04 27.44 -2.89
C HIS A 523 11.61 26.93 -2.75
N TRP A 524 10.88 26.64 -3.84
CA TRP A 524 9.47 26.14 -3.74
C TRP A 524 9.47 24.72 -3.17
N VAL A 525 8.57 24.45 -2.25
CA VAL A 525 8.55 23.19 -1.45
C VAL A 525 7.76 22.14 -2.22
N PRO A 526 8.30 20.94 -2.39
CA PRO A 526 7.55 19.81 -2.94
C PRO A 526 6.28 19.48 -2.14
N THR A 527 5.17 19.19 -2.83
CA THR A 527 3.86 18.79 -2.24
C THR A 527 3.34 17.50 -2.82
N SER A 528 2.33 16.94 -2.16
CA SER A 528 1.49 15.79 -2.58
C SER A 528 0.15 15.88 -1.85
N ARG A 529 -0.94 15.34 -2.41
CA ARG A 529 -2.30 15.38 -1.79
C ARG A 529 -2.67 14.04 -1.13
N ALA A 536 6.46 2.75 2.73
CA ALA A 536 7.44 3.67 2.12
C ALA A 536 7.67 4.90 3.03
N THR A 537 8.93 5.34 3.12
CA THR A 537 9.37 6.61 3.76
C THR A 537 9.75 7.57 2.65
N HIS A 538 9.35 8.84 2.75
N HIS A 538 9.33 8.84 2.77
CA HIS A 538 9.38 9.85 1.65
CA HIS A 538 9.36 9.88 1.70
C HIS A 538 10.47 10.89 1.92
C HIS A 538 10.48 10.90 1.95
N GLU A 539 11.74 10.47 1.84
CA GLU A 539 12.91 11.37 2.05
C GLU A 539 13.06 12.41 0.93
N TRP A 540 12.33 12.30 -0.18
CA TRP A 540 12.38 13.28 -1.28
C TRP A 540 11.53 14.50 -0.97
N MET A 541 10.68 14.44 0.07
CA MET A 541 9.76 15.55 0.45
C MET A 541 10.52 16.48 1.41
N THR A 542 11.36 17.36 0.85
CA THR A 542 12.34 18.25 1.53
C THR A 542 12.83 19.28 0.53
N THR A 543 13.38 20.41 1.01
CA THR A 543 14.07 21.45 0.20
C THR A 543 15.59 21.34 0.34
N GLU A 544 16.07 20.42 1.17
CA GLU A 544 17.52 20.11 1.27
C GLU A 544 18.04 19.69 -0.10
N ASP A 545 19.34 19.85 -0.30
CA ASP A 545 20.03 19.50 -1.55
C ASP A 545 19.90 17.97 -1.77
N MET A 546 19.55 17.52 -2.98
CA MET A 546 19.24 16.07 -3.21
C MET A 546 20.53 15.24 -3.12
N LEU A 547 21.70 15.80 -3.42
CA LEU A 547 22.95 15.01 -3.23
C LEU A 547 23.17 14.74 -1.74
N THR A 548 22.80 15.66 -0.84
CA THR A 548 22.97 15.45 0.62
C THR A 548 22.00 14.35 1.09
N VAL A 549 20.74 14.44 0.71
CA VAL A 549 19.74 13.37 0.97
C VAL A 549 20.22 12.03 0.41
N TRP A 550 20.76 12.00 -0.82
CA TRP A 550 21.20 10.73 -1.46
C TRP A 550 22.24 10.07 -0.55
N ASN A 551 23.21 10.85 -0.10
CA ASN A 551 24.31 10.38 0.78
C ASN A 551 23.75 9.88 2.12
N ARG A 552 22.75 10.56 2.67
CA ARG A 552 22.18 10.13 3.97
C ARG A 552 21.49 8.76 3.77
N VAL A 553 20.71 8.63 2.69
CA VAL A 553 19.82 7.46 2.45
C VAL A 553 20.65 6.24 2.00
N TRP A 554 21.58 6.42 1.04
CA TRP A 554 22.26 5.31 0.35
C TRP A 554 23.56 4.93 1.06
N ILE A 555 24.14 5.84 1.86
CA ILE A 555 25.49 5.61 2.48
C ILE A 555 25.31 5.62 4.01
N GLN A 556 25.07 6.80 4.59
CA GLN A 556 25.10 7.03 6.06
C GLN A 556 24.13 6.07 6.77
N GLU A 557 22.85 6.05 6.41
CA GLU A 557 21.78 5.33 7.14
C GLU A 557 21.58 3.92 6.56
N ASN A 558 22.41 3.49 5.61
CA ASN A 558 22.22 2.21 4.88
C ASN A 558 22.96 1.11 5.63
N PRO A 559 22.26 0.20 6.33
CA PRO A 559 22.94 -0.79 7.13
C PRO A 559 23.69 -1.86 6.33
N TRP A 560 23.49 -1.92 5.01
CA TRP A 560 24.21 -2.91 4.16
C TRP A 560 25.51 -2.33 3.59
N MET A 561 25.82 -1.06 3.88
CA MET A 561 27.04 -0.33 3.40
C MET A 561 27.98 -0.16 4.61
N GLU A 562 29.10 -0.88 4.64
CA GLU A 562 30.12 -0.80 5.73
C GLU A 562 30.94 0.49 5.59
N ASP A 563 31.46 0.81 4.40
CA ASP A 563 32.28 2.02 4.15
C ASP A 563 31.36 3.25 3.99
N LYS A 564 31.54 4.26 4.85
CA LYS A 564 30.61 5.41 4.96
C LYS A 564 31.19 6.64 4.27
N THR A 565 32.13 6.45 3.35
CA THR A 565 32.75 7.60 2.62
C THR A 565 31.67 8.32 1.82
N PRO A 566 31.44 9.63 2.04
CA PRO A 566 30.41 10.35 1.29
C PRO A 566 30.76 10.39 -0.20
N VAL A 567 29.73 10.53 -1.02
CA VAL A 567 29.86 10.77 -2.48
C VAL A 567 29.87 12.29 -2.66
N GLU A 568 30.81 12.80 -3.45
CA GLU A 568 31.12 14.26 -3.58
C GLU A 568 30.35 14.89 -4.75
N SER A 569 29.87 14.09 -5.73
CA SER A 569 29.12 14.61 -6.92
C SER A 569 28.23 13.52 -7.53
N TRP A 570 27.29 13.95 -8.36
CA TRP A 570 26.34 13.02 -9.03
C TRP A 570 27.09 12.09 -10.00
N GLU A 571 28.21 12.57 -10.56
CA GLU A 571 29.14 11.81 -11.45
C GLU A 571 29.49 10.45 -10.84
N GLU A 572 29.74 10.40 -9.53
CA GLU A 572 30.19 9.19 -8.80
C GLU A 572 29.00 8.26 -8.52
N ILE A 573 27.80 8.61 -9.01
CA ILE A 573 26.59 7.75 -8.82
C ILE A 573 26.26 7.09 -10.15
N PRO A 574 26.30 5.75 -10.20
CA PRO A 574 26.23 5.02 -11.45
C PRO A 574 24.83 4.88 -12.06
N TYR A 575 24.80 4.44 -13.30
CA TYR A 575 23.57 4.06 -14.05
C TYR A 575 23.58 2.54 -14.26
N LEU A 576 22.42 1.97 -14.57
CA LEU A 576 22.31 0.60 -15.12
C LEU A 576 23.13 0.55 -16.41
N GLY A 577 23.53 -0.65 -16.85
CA GLY A 577 24.10 -0.83 -18.20
C GLY A 577 23.12 -0.24 -19.21
N LYS A 578 23.63 0.20 -20.35
CA LYS A 578 22.80 0.88 -21.37
C LYS A 578 21.71 -0.06 -21.88
N ARG A 579 22.08 -1.33 -22.06
CA ARG A 579 21.12 -2.33 -22.58
C ARG A 579 20.06 -2.62 -21.50
N GLU A 580 20.48 -2.74 -20.25
CA GLU A 580 19.56 -2.95 -19.10
C GLU A 580 18.61 -1.75 -18.99
N ASP A 581 19.08 -0.53 -19.26
CA ASP A 581 18.26 0.70 -19.26
C ASP A 581 17.17 0.60 -20.31
N GLN A 582 17.55 0.21 -21.53
CA GLN A 582 16.61 0.03 -22.67
C GLN A 582 15.57 -1.05 -22.31
N TRP A 583 16.04 -2.21 -21.84
CA TRP A 583 15.15 -3.34 -21.45
C TRP A 583 14.05 -2.84 -20.49
N CYS A 584 14.40 -1.88 -19.64
CA CYS A 584 13.45 -1.33 -18.64
C CYS A 584 12.78 -0.03 -19.16
N GLY A 585 12.64 0.14 -20.49
CA GLY A 585 11.93 1.30 -21.09
C GLY A 585 12.70 2.58 -21.39
N SER A 586 14.00 2.64 -21.12
CA SER A 586 14.77 3.86 -21.50
C SER A 586 14.60 4.11 -23.01
N LEU A 587 14.46 5.39 -23.38
CA LEU A 587 14.27 5.77 -24.81
C LEU A 587 15.63 6.07 -25.47
N ILE A 588 16.75 5.79 -24.81
CA ILE A 588 18.07 6.16 -25.37
C ILE A 588 18.28 5.45 -26.73
N GLY A 589 19.02 6.07 -27.64
CA GLY A 589 19.24 5.50 -28.99
C GLY A 589 18.22 6.03 -29.96
N LEU A 590 17.19 6.72 -29.46
CA LEU A 590 16.11 7.26 -30.32
C LEU A 590 16.38 8.72 -30.69
N THR A 591 16.08 9.09 -31.93
CA THR A 591 16.29 10.48 -32.42
C THR A 591 15.57 11.47 -31.49
N SER A 592 14.32 11.19 -31.13
CA SER A 592 13.51 12.12 -30.29
C SER A 592 14.18 12.36 -28.93
N ARG A 593 14.68 11.29 -28.29
CA ARG A 593 15.32 11.39 -26.96
C ARG A 593 16.58 12.27 -27.02
N ALA A 594 17.44 12.05 -28.03
CA ALA A 594 18.71 12.82 -28.16
C ALA A 594 18.44 14.31 -28.44
N THR A 595 17.50 14.62 -29.35
CA THR A 595 17.11 16.02 -29.60
C THR A 595 16.63 16.61 -28.28
N TRP A 596 15.81 15.86 -27.54
CA TRP A 596 15.26 16.30 -26.24
C TRP A 596 16.37 16.56 -25.20
N ALA A 597 17.39 15.72 -25.14
CA ALA A 597 18.54 15.93 -24.22
C ALA A 597 19.39 17.11 -24.70
N LYS A 598 19.64 17.17 -25.99
CA LYS A 598 20.50 18.24 -26.58
C LYS A 598 19.84 19.61 -26.36
N ASN A 599 18.52 19.71 -26.55
CA ASN A 599 17.79 21.00 -26.46
C ASN A 599 17.06 21.19 -25.12
N ILE A 600 17.53 20.56 -24.05
CA ILE A 600 16.77 20.52 -22.77
C ILE A 600 16.63 21.92 -22.17
N GLN A 601 17.65 22.78 -22.31
N GLN A 601 17.65 22.78 -22.31
CA GLN A 601 17.64 24.17 -21.76
CA GLN A 601 17.64 24.17 -21.76
C GLN A 601 16.49 24.96 -22.39
C GLN A 601 16.50 24.97 -22.40
N THR A 602 16.14 24.69 -23.65
CA THR A 602 14.99 25.34 -24.32
C THR A 602 13.67 24.93 -23.64
N ALA A 603 13.52 23.67 -23.23
CA ALA A 603 12.28 23.19 -22.58
C ALA A 603 12.23 23.77 -21.18
N ILE A 604 13.36 23.74 -20.49
CA ILE A 604 13.48 24.38 -19.15
C ILE A 604 13.03 25.85 -19.23
N ASN A 605 13.51 26.59 -20.22
CA ASN A 605 13.21 28.03 -20.42
C ASN A 605 11.73 28.21 -20.77
N GLN A 606 11.08 27.30 -21.51
CA GLN A 606 9.63 27.39 -21.77
C GLN A 606 8.86 27.40 -20.44
N VAL A 607 9.14 26.45 -19.55
CA VAL A 607 8.42 26.31 -18.25
C VAL A 607 8.78 27.55 -17.39
N ARG A 608 10.04 27.96 -17.35
CA ARG A 608 10.44 29.17 -16.56
C ARG A 608 9.62 30.38 -17.03
N SER A 609 9.46 30.54 -18.33
CA SER A 609 8.68 31.67 -18.90
C SER A 609 7.22 31.60 -18.47
N LEU A 610 6.67 30.41 -18.28
CA LEU A 610 5.23 30.24 -17.93
C LEU A 610 5.04 30.59 -16.44
N ILE A 611 5.95 30.13 -15.59
CA ILE A 611 5.88 30.34 -14.12
C ILE A 611 6.20 31.82 -13.79
N GLY A 612 7.17 32.42 -14.48
CA GLY A 612 7.50 33.86 -14.41
C GLY A 612 8.89 34.11 -13.82
N ASN A 613 9.13 35.35 -13.38
CA ASN A 613 10.46 35.86 -12.97
C ASN A 613 10.65 35.48 -11.50
N GLU A 614 11.31 34.36 -11.26
CA GLU A 614 11.42 33.69 -9.94
C GLU A 614 12.90 33.39 -9.84
N GLU A 615 13.38 32.90 -8.69
CA GLU A 615 14.80 32.48 -8.54
C GLU A 615 14.89 30.99 -8.92
N TYR A 616 15.66 30.67 -9.96
CA TYR A 616 15.92 29.31 -10.49
C TYR A 616 17.41 28.97 -10.33
N THR A 617 17.68 27.67 -10.20
CA THR A 617 19.02 27.02 -10.26
C THR A 617 19.14 26.15 -11.52
N ASP A 618 20.30 26.13 -12.17
CA ASP A 618 20.58 25.20 -13.29
C ASP A 618 21.19 23.92 -12.70
N TYR A 619 20.43 22.82 -12.62
CA TYR A 619 20.95 21.53 -12.13
C TYR A 619 21.61 20.72 -13.29
N MET A 620 21.43 21.12 -14.56
CA MET A 620 21.89 20.28 -15.70
C MET A 620 23.42 20.02 -15.66
N PRO A 621 24.30 21.01 -15.33
CA PRO A 621 25.75 20.74 -15.22
C PRO A 621 26.19 19.73 -14.14
N SER A 622 25.29 19.28 -13.25
CA SER A 622 25.48 18.07 -12.38
C SER A 622 25.69 16.76 -13.21
N MET A 623 25.33 16.77 -14.50
CA MET A 623 25.55 15.64 -15.44
C MET A 623 26.77 15.95 -16.32
N LYS A 624 27.58 14.94 -16.63
CA LYS A 624 28.88 15.05 -17.35
C LYS A 624 28.72 15.88 -18.62
N ARG A 625 27.77 15.50 -19.49
CA ARG A 625 27.61 16.06 -20.87
C ARG A 625 27.27 17.56 -20.83
N PHE A 626 26.43 17.98 -19.88
CA PHE A 626 25.85 19.35 -19.82
C PHE A 626 26.82 20.34 -19.18
N ARG A 627 28.01 19.87 -18.75
CA ARG A 627 29.10 20.74 -18.25
C ARG A 627 29.70 21.50 -19.44
N ARG A 628 30.11 22.75 -19.23
CA ARG A 628 30.68 23.65 -20.28
C ARG A 628 32.17 23.36 -20.43
#